data_1ER8
#
_entry.id   1ER8
#
_cell.length_a   43.200
_cell.length_b   75.700
_cell.length_c   42.900
_cell.angle_alpha   90.00
_cell.angle_beta   97.10
_cell.angle_gamma   90.00
#
_symmetry.space_group_name_H-M   'P 1 21 1'
#
loop_
_entity.id
_entity.type
_entity.pdbx_description
1 polymer Endothiapepsin
2 polymer H-77
3 water water
#
loop_
_entity_poly.entity_id
_entity_poly.type
_entity_poly.pdbx_seq_one_letter_code
_entity_poly.pdbx_strand_id
1 'polypeptide(L)'
;STGSATTTPIDSLDDAYITPVQIGTPAQTLNLDFDTGSSDLWVFSSETTASEVDGQTIYTPSKSTTAKLLSGATWSISYG
DGSSSSGDVYTDTVSVGGLTVTGQAVESAKKVSSSFTEDSTIDGLLGLAFSTLNTVSPTQQKTFFDNAKASLDSPVFTAD
LGYHAPGTYNFGFIDTTAYTGSITYTAVSTKQGFWEWTSTGYAVGSGTFKSTSIDGIADTGTTLLYLPATVVSAYWAQVS
GAKSSSSVGGYVFPCSATLPSFTFGVGSARIVIPGDYIDFGPISTGSSSCFGGIQSSAGIGINIFGDVALKAAFVVFNGA
TTPTLGFASK
;
E
2 'polypeptide(L)' (DHI)PFHLLVY I
#
# COMPACT_ATOMS: atom_id res chain seq x y z
N SER A 1 -8.00 17.49 -14.86
CA SER A 1 -7.33 17.88 -13.62
C SER A 1 -6.28 16.88 -13.17
N THR A 2 -5.32 17.29 -12.33
CA THR A 2 -4.36 16.33 -11.84
C THR A 2 -4.02 16.61 -10.37
N GLY A 3 -3.39 15.60 -9.73
CA GLY A 3 -2.97 15.84 -8.29
C GLY A 3 -1.56 15.35 -8.11
N SER A 4 -0.83 16.03 -7.24
CA SER A 4 0.55 15.48 -6.89
C SER A 4 0.76 15.59 -5.46
N ALA A 5 1.11 14.52 -4.79
CA ALA A 5 1.40 14.69 -3.31
C ALA A 5 2.64 13.85 -2.97
N THR A 6 3.28 14.32 -1.92
CA THR A 6 4.54 13.69 -1.43
C THR A 6 4.16 12.66 -0.39
N THR A 7 4.86 11.56 -0.42
CA THR A 7 4.58 10.45 0.47
C THR A 7 5.90 10.09 1.16
N THR A 8 5.87 10.01 2.48
CA THR A 8 7.01 9.87 3.37
C THR A 8 6.82 8.62 4.24
N PRO A 9 7.99 7.88 4.31
CA PRO A 9 7.89 6.70 5.23
C PRO A 9 7.70 7.10 6.67
N ILE A 10 6.92 6.34 7.39
CA ILE A 10 6.53 6.63 8.78
C ILE A 10 7.71 6.43 9.72
N ASP A 11 8.71 5.69 9.33
CA ASP A 11 9.85 5.40 10.19
C ASP A 11 11.09 5.10 9.34
N SER A 12 12.16 4.90 10.02
CA SER A 12 13.46 4.53 9.39
C SER A 12 13.45 3.14 8.79
N LEU A 13 12.49 2.24 8.89
CA LEU A 13 12.35 0.93 8.24
C LEU A 13 11.44 1.03 7.02
N ASP A 14 10.89 2.18 6.71
CA ASP A 14 9.94 2.22 5.56
C ASP A 14 8.79 1.21 5.82
N ASP A 15 8.31 1.04 6.98
CA ASP A 15 7.16 0.11 7.25
C ASP A 15 5.93 0.50 6.51
N ALA A 16 5.68 1.78 6.32
CA ALA A 16 4.47 2.37 5.76
C ALA A 16 4.70 3.76 5.23
N TYR A 17 3.95 4.36 4.34
CA TYR A 17 4.07 5.76 3.84
C TYR A 17 2.74 6.46 4.15
N ILE A 18 2.96 7.72 4.59
CA ILE A 18 1.75 8.46 4.78
C ILE A 18 1.70 9.63 3.81
N THR A 19 0.59 10.06 3.37
CA THR A 19 0.41 11.19 2.45
C THR A 19 -0.67 12.14 2.98
N PRO A 20 -0.28 13.47 2.77
CA PRO A 20 -1.30 14.33 3.43
C PRO A 20 -2.53 14.45 2.56
N VAL A 21 -3.66 14.56 3.21
CA VAL A 21 -5.00 14.68 2.53
C VAL A 21 -5.82 15.75 3.22
N GLN A 22 -6.44 16.59 2.46
CA GLN A 22 -7.21 17.72 3.00
C GLN A 22 -8.72 17.30 2.95
N ILE A 23 -9.31 17.23 4.11
CA ILE A 23 -10.73 16.83 4.18
C ILE A 23 -11.57 17.97 4.82
N GLY A 24 -12.63 18.23 4.09
CA GLY A 24 -13.73 19.18 4.54
C GLY A 24 -13.41 20.62 4.17
N THR A 25 -14.20 21.58 4.69
CA THR A 25 -14.11 23.03 4.48
C THR A 25 -14.43 23.80 5.74
N PRO A 26 -13.58 24.64 6.37
CA PRO A 26 -12.31 24.61 5.56
C PRO A 26 -11.50 23.30 5.80
N ALA A 27 -10.38 23.13 5.07
CA ALA A 27 -9.62 21.84 5.01
C ALA A 27 -9.02 21.49 6.39
N GLN A 28 -9.28 20.29 6.89
CA GLN A 28 -8.45 19.57 7.93
C GLN A 28 -7.50 18.60 7.22
N THR A 29 -6.22 18.76 7.42
CA THR A 29 -5.14 17.92 6.85
C THR A 29 -4.82 16.79 7.83
N LEU A 30 -4.94 15.60 7.24
CA LEU A 30 -4.78 14.33 7.98
C LEU A 30 -3.77 13.50 7.18
N ASN A 31 -2.89 12.82 7.84
CA ASN A 31 -1.88 12.02 7.17
C ASN A 31 -2.49 10.60 6.98
N LEU A 32 -2.95 10.25 5.81
CA LEU A 32 -3.38 8.94 5.43
C LEU A 32 -2.33 8.03 4.80
N ASP A 33 -2.42 6.72 5.04
CA ASP A 33 -1.76 5.57 4.39
C ASP A 33 -2.58 5.18 3.15
N PHE A 34 -1.98 5.46 2.00
CA PHE A 34 -2.61 5.11 0.73
C PHE A 34 -2.41 3.56 0.49
N ASP A 35 -3.44 2.80 0.39
CA ASP A 35 -3.40 1.29 0.41
C ASP A 35 -4.17 0.76 -0.83
N THR A 36 -3.29 0.42 -1.78
CA THR A 36 -3.80 -0.29 -2.95
C THR A 36 -4.28 -1.68 -2.64
N GLY A 37 -4.26 -2.13 -1.36
CA GLY A 37 -4.95 -3.44 -1.17
C GLY A 37 -6.26 -3.28 -0.41
N SER A 38 -6.88 -2.09 -0.35
CA SER A 38 -8.30 -2.04 0.18
C SER A 38 -8.99 -0.82 -0.45
N SER A 39 -10.24 -0.60 -0.03
CA SER A 39 -11.08 0.29 -0.85
C SER A 39 -11.83 1.27 0.03
N ASP A 40 -11.49 1.36 1.30
CA ASP A 40 -12.18 2.33 2.22
C ASP A 40 -11.33 3.56 2.56
N LEU A 41 -12.05 4.70 2.54
CA LEU A 41 -11.24 5.82 3.12
C LEU A 41 -11.71 6.09 4.55
N TRP A 42 -10.95 5.72 5.58
CA TRP A 42 -11.54 5.93 6.90
C TRP A 42 -10.62 6.82 7.72
N VAL A 43 -11.14 7.47 8.66
CA VAL A 43 -10.18 8.31 9.43
C VAL A 43 -10.63 8.31 10.92
N PHE A 44 -9.70 8.46 11.82
CA PHE A 44 -9.87 8.84 13.26
C PHE A 44 -10.72 10.09 13.30
N SER A 45 -11.71 10.09 14.19
CA SER A 45 -12.52 11.33 14.12
C SER A 45 -12.95 11.69 15.54
N SER A 46 -13.79 12.70 15.58
CA SER A 46 -14.34 13.22 16.85
C SER A 46 -15.33 12.12 17.32
N GLU A 47 -15.71 11.12 16.53
CA GLU A 47 -16.57 10.04 16.99
C GLU A 47 -15.84 8.88 17.62
N THR A 48 -14.54 8.87 17.38
CA THR A 48 -13.74 7.77 17.84
C THR A 48 -13.67 7.65 19.32
N THR A 49 -13.78 6.46 19.91
CA THR A 49 -13.78 6.34 21.35
C THR A 49 -12.51 6.86 21.99
N ALA A 50 -12.61 7.75 22.98
CA ALA A 50 -11.44 8.63 23.33
C ALA A 50 -10.26 7.81 23.77
N SER A 51 -10.50 6.66 24.46
CA SER A 51 -9.28 5.88 25.01
C SER A 51 -8.62 5.08 23.96
N GLU A 52 -9.19 4.94 22.76
CA GLU A 52 -8.52 4.36 21.56
C GLU A 52 -7.92 5.49 20.70
N VAL A 53 -8.06 6.76 21.06
CA VAL A 53 -7.30 7.82 20.30
C VAL A 53 -6.03 8.22 21.05
N ASP A 54 -4.87 8.10 20.48
CA ASP A 54 -3.59 8.56 20.96
C ASP A 54 -3.24 9.92 20.35
N GLY A 55 -2.21 9.79 19.54
CA GLY A 55 -1.55 10.98 19.04
C GLY A 55 -2.06 11.36 17.71
N GLN A 56 -2.82 10.59 16.94
CA GLN A 56 -3.50 10.89 15.72
C GLN A 56 -4.12 12.27 15.64
N THR A 57 -4.16 12.86 14.50
CA THR A 57 -5.06 13.97 14.14
C THR A 57 -6.44 13.43 13.74
N ILE A 58 -7.50 14.13 14.23
CA ILE A 58 -8.81 13.63 14.00
C ILE A 58 -9.58 14.41 13.01
N TYR A 59 -10.55 13.83 12.31
CA TYR A 59 -11.53 14.64 11.50
C TYR A 59 -12.74 14.94 12.38
N THR A 60 -13.08 16.18 12.43
CA THR A 60 -14.34 16.64 13.07
C THR A 60 -15.35 17.17 12.06
N PRO A 61 -16.38 16.20 11.95
CA PRO A 61 -17.20 16.49 10.69
C PRO A 61 -18.05 17.73 10.96
N SER A 62 -18.18 18.09 12.25
CA SER A 62 -19.11 19.17 12.62
C SER A 62 -18.49 20.53 12.38
N LYS A 63 -17.22 20.62 12.10
CA LYS A 63 -16.46 21.87 11.78
C LYS A 63 -16.37 21.99 10.26
N SER A 64 -16.75 21.03 9.48
CA SER A 64 -16.77 21.14 8.02
C SER A 64 -18.11 21.54 7.46
N THR A 65 -18.18 22.60 6.66
CA THR A 65 -19.45 23.17 6.24
C THR A 65 -20.01 22.32 5.11
N THR A 66 -19.04 21.64 4.51
CA THR A 66 -19.48 20.76 3.34
C THR A 66 -19.75 19.34 3.82
N ALA A 67 -19.71 19.01 5.15
CA ALA A 67 -19.90 17.65 5.52
C ALA A 67 -21.36 17.25 5.47
N LYS A 68 -21.69 16.03 4.93
CA LYS A 68 -23.08 15.60 5.26
C LYS A 68 -23.06 14.13 5.69
N LEU A 69 -23.90 13.83 6.64
CA LEU A 69 -24.08 12.47 7.22
C LEU A 69 -24.69 11.57 6.07
N LEU A 70 -24.16 10.36 5.87
CA LEU A 70 -24.79 9.44 4.89
C LEU A 70 -25.66 8.48 5.63
N SER A 71 -26.97 8.75 5.70
CA SER A 71 -27.68 8.15 6.83
C SER A 71 -28.05 6.73 6.50
N GLY A 72 -28.20 5.97 7.59
CA GLY A 72 -28.37 4.52 7.18
C GLY A 72 -27.03 3.82 7.21
N ALA A 73 -25.94 4.50 6.81
CA ALA A 73 -24.73 3.84 6.29
C ALA A 73 -23.77 3.47 7.37
N THR A 74 -23.31 2.26 7.40
CA THR A 74 -22.20 1.99 8.34
C THR A 74 -21.12 1.13 7.65
N TRP A 75 -19.91 1.01 8.22
CA TRP A 75 -18.83 0.23 7.55
C TRP A 75 -18.10 -0.58 8.62
N SER A 76 -17.51 -1.72 8.34
CA SER A 76 -16.61 -2.41 9.36
C SER A 76 -15.60 -3.24 8.56
N ILE A 77 -14.33 -2.99 8.86
CA ILE A 77 -13.34 -3.59 7.99
C ILE A 77 -12.30 -4.37 8.81
N SER A 78 -11.69 -5.43 8.27
CA SER A 78 -10.60 -6.13 8.94
C SER A 78 -9.46 -6.34 7.95
N TYR A 79 -8.22 -6.30 8.35
CA TYR A 79 -7.09 -6.25 7.43
C TYR A 79 -6.32 -7.59 7.58
N GLY A 80 -5.32 -7.81 6.80
CA GLY A 80 -4.55 -9.04 6.76
C GLY A 80 -3.93 -9.38 8.10
N ASP A 81 -3.73 -8.34 8.88
CA ASP A 81 -3.08 -8.54 10.19
C ASP A 81 -4.09 -8.78 11.28
N GLY A 82 -5.34 -8.75 10.90
CA GLY A 82 -6.35 -8.96 11.98
C GLY A 82 -6.76 -7.65 12.57
N SER A 83 -6.24 -6.54 12.14
CA SER A 83 -6.63 -5.22 12.66
C SER A 83 -7.95 -4.77 12.09
N SER A 84 -8.61 -3.85 12.80
CA SER A 84 -10.02 -3.58 12.48
C SER A 84 -10.46 -2.20 12.85
N SER A 85 -11.46 -1.59 12.18
CA SER A 85 -12.17 -0.42 12.69
C SER A 85 -13.59 -0.46 12.16
N SER A 86 -14.50 0.31 12.68
CA SER A 86 -15.88 0.40 12.12
C SER A 86 -16.45 1.77 12.52
N GLY A 87 -17.65 2.13 12.01
CA GLY A 87 -18.17 3.52 12.27
C GLY A 87 -19.23 3.93 11.28
N ASP A 88 -19.37 5.21 10.97
CA ASP A 88 -20.51 5.54 10.09
C ASP A 88 -19.90 6.57 9.08
N VAL A 89 -20.69 7.06 8.24
CA VAL A 89 -20.28 7.58 6.97
C VAL A 89 -20.78 8.98 6.70
N TYR A 90 -19.94 9.92 6.26
CA TYR A 90 -20.25 11.26 5.74
C TYR A 90 -19.63 11.38 4.35
N THR A 91 -20.30 12.21 3.63
CA THR A 91 -19.68 12.68 2.39
C THR A 91 -19.12 14.07 2.60
N ASP A 92 -18.06 14.43 1.98
CA ASP A 92 -17.35 15.64 2.19
C ASP A 92 -16.37 15.85 1.00
N THR A 93 -15.88 17.07 0.86
CA THR A 93 -14.82 17.41 -0.09
C THR A 93 -13.48 16.80 0.30
N VAL A 94 -12.78 16.14 -0.62
CA VAL A 94 -11.39 15.67 -0.18
C VAL A 94 -10.44 15.98 -1.36
N SER A 95 -9.30 16.59 -1.05
CA SER A 95 -8.27 16.98 -1.94
C SER A 95 -6.96 16.27 -1.60
N VAL A 96 -6.40 15.71 -2.61
CA VAL A 96 -4.99 15.20 -2.61
C VAL A 96 -4.19 15.98 -3.65
N GLY A 97 -3.21 16.71 -3.11
CA GLY A 97 -2.16 17.13 -4.03
C GLY A 97 -2.77 18.10 -5.02
N GLY A 98 -3.89 18.69 -4.63
CA GLY A 98 -4.57 19.67 -5.41
C GLY A 98 -5.78 19.19 -6.22
N LEU A 99 -5.94 17.90 -6.12
CA LEU A 99 -7.00 17.27 -6.97
C LEU A 99 -8.22 17.12 -6.04
N THR A 100 -9.31 17.76 -6.41
CA THR A 100 -10.44 17.93 -5.51
C THR A 100 -11.61 17.09 -5.96
N VAL A 101 -12.03 16.09 -5.16
CA VAL A 101 -13.31 15.40 -5.32
C VAL A 101 -14.32 15.90 -4.30
N THR A 102 -15.51 16.20 -4.80
CA THR A 102 -16.62 16.54 -3.89
C THR A 102 -17.55 15.35 -3.62
N GLY A 103 -18.29 15.22 -2.50
CA GLY A 103 -19.21 14.09 -2.33
C GLY A 103 -18.44 12.76 -2.29
N GLN A 104 -17.18 12.86 -1.87
CA GLN A 104 -16.36 11.67 -1.50
C GLN A 104 -16.80 11.06 -0.17
N ALA A 105 -17.04 9.71 -0.11
CA ALA A 105 -17.39 9.15 1.23
C ALA A 105 -16.22 9.02 2.14
N VAL A 106 -16.26 9.67 3.29
CA VAL A 106 -15.23 9.62 4.31
C VAL A 106 -15.83 8.81 5.45
N GLU A 107 -15.23 7.66 5.75
CA GLU A 107 -15.72 6.78 6.78
C GLU A 107 -15.14 7.20 8.15
N SER A 108 -16.06 7.43 9.07
CA SER A 108 -15.75 7.98 10.44
C SER A 108 -15.59 6.87 11.43
N ALA A 109 -14.42 6.56 11.92
CA ALA A 109 -14.30 5.52 12.93
C ALA A 109 -14.86 5.88 14.27
N LYS A 110 -15.79 4.92 14.59
CA LYS A 110 -16.26 4.93 15.96
C LYS A 110 -15.32 4.23 16.88
N LYS A 111 -14.76 3.20 16.28
CA LYS A 111 -13.92 2.32 17.19
C LYS A 111 -12.71 1.90 16.36
N VAL A 112 -11.49 1.83 16.91
CA VAL A 112 -10.36 1.27 16.15
C VAL A 112 -9.56 0.24 16.87
N SER A 113 -8.83 -0.65 16.23
CA SER A 113 -8.19 -1.70 17.00
C SER A 113 -6.89 -1.20 17.59
N SER A 114 -6.33 -1.88 18.62
CA SER A 114 -5.10 -1.64 19.34
C SER A 114 -3.95 -1.25 18.43
N SER A 115 -3.80 -1.80 17.23
CA SER A 115 -2.56 -1.53 16.44
C SER A 115 -2.70 -0.08 15.85
N PHE A 116 -3.92 0.32 15.46
CA PHE A 116 -4.18 1.65 14.93
C PHE A 116 -3.98 2.70 15.99
N THR A 117 -4.50 2.41 17.18
CA THR A 117 -4.30 3.35 18.33
C THR A 117 -2.81 3.52 18.56
N GLU A 118 -2.00 2.48 18.51
CA GLU A 118 -0.56 2.51 18.77
C GLU A 118 0.21 3.21 17.70
N ASP A 119 -0.42 3.53 16.57
CA ASP A 119 0.42 4.03 15.37
C ASP A 119 0.14 5.57 15.32
N SER A 120 1.02 6.42 15.94
CA SER A 120 0.61 7.80 16.12
C SER A 120 0.72 8.53 14.81
N THR A 121 1.34 7.92 13.85
CA THR A 121 1.70 8.64 12.59
C THR A 121 0.63 8.46 11.51
N ILE A 122 -0.36 7.65 11.73
CA ILE A 122 -1.30 7.29 10.65
C ILE A 122 -2.73 7.61 11.23
N ASP A 123 -3.37 8.62 10.61
CA ASP A 123 -4.67 9.18 11.10
C ASP A 123 -5.78 8.45 10.26
N GLY A 124 -5.33 7.56 9.36
CA GLY A 124 -6.37 6.68 8.75
C GLY A 124 -5.90 6.31 7.37
N LEU A 125 -6.77 5.72 6.56
CA LEU A 125 -6.28 5.02 5.33
C LEU A 125 -7.08 5.64 4.15
N LEU A 126 -6.40 5.52 3.05
CA LEU A 126 -7.16 5.87 1.82
C LEU A 126 -7.16 4.64 0.91
N GLY A 127 -8.23 3.86 0.68
CA GLY A 127 -8.09 2.62 -0.21
C GLY A 127 -8.07 2.91 -1.68
N LEU A 128 -7.23 2.18 -2.43
CA LEU A 128 -7.01 2.42 -3.82
C LEU A 128 -7.27 1.12 -4.63
N ALA A 129 -7.83 0.13 -4.03
CA ALA A 129 -8.28 -1.07 -4.73
C ALA A 129 -9.54 -0.96 -5.50
N PHE A 130 -10.27 -1.95 -6.03
CA PHE A 130 -11.51 -1.64 -6.82
C PHE A 130 -12.67 -1.53 -5.85
N SER A 131 -13.73 -0.83 -6.19
CA SER A 131 -14.67 -0.31 -5.18
C SER A 131 -15.56 -1.48 -4.74
N THR A 132 -15.52 -2.61 -5.43
CA THR A 132 -16.22 -3.81 -5.05
C THR A 132 -15.62 -4.36 -3.72
N LEU A 133 -14.49 -3.89 -3.13
CA LEU A 133 -13.94 -4.26 -1.82
C LEU A 133 -14.42 -3.31 -0.71
N ASN A 134 -15.21 -2.31 -1.07
CA ASN A 134 -15.57 -1.31 -0.06
C ASN A 134 -16.48 -1.89 0.99
N THR A 135 -16.24 -1.64 2.27
CA THR A 135 -17.06 -2.15 3.36
C THR A 135 -18.34 -1.43 3.64
N VAL A 136 -18.82 -0.39 2.91
CA VAL A 136 -19.88 0.42 3.45
C VAL A 136 -21.21 -0.24 2.94
N SER A 137 -22.09 -0.17 3.85
CA SER A 137 -23.39 -0.80 3.73
C SER A 137 -24.48 0.08 4.24
N PRO A 138 -25.66 0.07 3.54
CA PRO A 138 -25.91 -1.14 2.69
C PRO A 138 -25.56 -0.90 1.21
N THR A 139 -25.17 0.33 0.88
CA THR A 139 -24.67 0.51 -0.58
C THR A 139 -23.24 0.76 -0.58
N GLN A 140 -22.37 0.12 -1.32
CA GLN A 140 -20.94 0.40 -1.21
C GLN A 140 -20.53 1.75 -1.79
N GLN A 141 -19.41 2.34 -1.35
CA GLN A 141 -19.11 3.70 -1.87
C GLN A 141 -17.88 3.63 -2.75
N LYS A 142 -17.69 4.52 -3.68
CA LYS A 142 -16.58 4.60 -4.63
C LYS A 142 -15.31 5.08 -3.93
N THR A 143 -14.18 4.50 -4.41
CA THR A 143 -12.94 5.04 -3.80
C THR A 143 -12.70 6.45 -4.30
N PHE A 144 -11.71 7.18 -3.76
CA PHE A 144 -11.31 8.56 -4.25
C PHE A 144 -10.96 8.51 -5.71
N PHE A 145 -10.31 7.43 -6.08
CA PHE A 145 -9.78 7.26 -7.41
C PHE A 145 -10.96 7.18 -8.41
N ASP A 146 -11.93 6.42 -8.08
CA ASP A 146 -13.15 6.22 -8.95
C ASP A 146 -13.93 7.53 -8.98
N ASN A 147 -14.15 8.23 -7.89
CA ASN A 147 -14.79 9.54 -7.92
C ASN A 147 -13.93 10.50 -8.77
N ALA A 148 -12.59 10.46 -8.73
CA ALA A 148 -11.76 11.42 -9.48
C ALA A 148 -11.81 11.19 -10.98
N LYS A 149 -12.11 9.99 -11.50
CA LYS A 149 -11.72 9.62 -12.85
C LYS A 149 -12.49 10.45 -13.88
N ALA A 150 -13.70 10.86 -13.66
CA ALA A 150 -14.39 11.84 -14.60
C ALA A 150 -13.54 13.02 -14.93
N SER A 151 -12.91 13.56 -13.93
CA SER A 151 -12.29 14.88 -14.23
C SER A 151 -10.81 14.71 -14.50
N LEU A 152 -10.18 13.54 -14.42
CA LEU A 152 -8.72 13.33 -14.49
C LEU A 152 -8.26 13.56 -15.94
N ASP A 153 -7.07 14.02 -16.15
CA ASP A 153 -6.62 14.22 -17.57
C ASP A 153 -6.54 12.87 -18.25
N SER A 154 -6.19 11.85 -17.52
CA SER A 154 -5.92 10.44 -17.80
C SER A 154 -6.36 9.54 -16.61
N PRO A 155 -7.02 8.39 -16.98
CA PRO A 155 -7.62 7.86 -15.69
C PRO A 155 -6.60 6.97 -14.99
N VAL A 156 -5.57 7.58 -14.44
CA VAL A 156 -4.45 6.79 -13.92
C VAL A 156 -3.98 7.32 -12.59
N PHE A 157 -3.24 6.51 -11.81
CA PHE A 157 -2.41 7.04 -10.78
C PHE A 157 -1.07 6.31 -10.72
N THR A 158 -0.03 7.01 -10.28
CA THR A 158 1.31 6.41 -10.17
C THR A 158 1.78 6.48 -8.72
N ALA A 159 2.57 5.48 -8.30
CA ALA A 159 3.23 5.26 -7.05
C ALA A 159 4.75 5.22 -7.31
N ASP A 160 5.29 6.24 -6.69
CA ASP A 160 6.73 6.37 -6.76
C ASP A 160 7.27 6.39 -5.38
N LEU A 161 7.27 5.20 -4.72
CA LEU A 161 7.67 5.22 -3.32
C LEU A 161 9.17 5.21 -3.08
N GLY A 162 9.65 5.74 -1.94
CA GLY A 162 11.11 6.09 -1.87
C GLY A 162 11.74 4.97 -1.07
N TYR A 163 13.04 4.74 -1.21
CA TYR A 163 13.76 3.86 -0.24
C TYR A 163 14.44 4.81 0.78
N HIS A 164 13.90 4.81 1.99
CA HIS A 164 14.39 5.61 3.10
C HIS A 164 14.32 7.10 2.80
N ALA A 165 13.34 7.48 2.05
CA ALA A 165 13.24 8.76 1.36
C ALA A 165 11.81 9.05 0.91
N PRO A 166 11.52 10.41 0.84
CA PRO A 166 10.13 10.56 0.33
C PRO A 166 9.98 10.17 -1.12
N GLY A 167 8.70 10.11 -1.51
CA GLY A 167 8.38 9.65 -2.87
C GLY A 167 7.20 10.52 -3.36
N THR A 168 6.37 10.09 -4.29
CA THR A 168 5.20 10.88 -4.74
C THR A 168 4.04 9.98 -5.15
N TYR A 169 2.80 10.44 -4.91
CA TYR A 169 1.59 9.84 -5.57
C TYR A 169 1.11 10.80 -6.66
N ASN A 170 1.12 10.44 -7.93
CA ASN A 170 0.42 11.35 -8.85
C ASN A 170 -0.84 10.75 -9.35
N PHE A 171 -1.74 11.67 -9.66
CA PHE A 171 -3.09 11.27 -10.18
C PHE A 171 -3.30 11.95 -11.53
N GLY A 172 -3.47 11.16 -12.58
CA GLY A 172 -4.03 11.81 -13.73
C GLY A 172 -2.95 12.04 -14.77
N PHE A 173 -1.68 11.64 -14.52
CA PHE A 173 -0.71 11.87 -15.66
C PHE A 173 0.57 11.06 -15.27
N ILE A 174 1.38 10.82 -16.25
CA ILE A 174 2.59 9.98 -15.83
C ILE A 174 3.81 10.90 -16.08
N ASP A 175 4.47 11.11 -15.04
CA ASP A 175 5.75 11.94 -15.09
C ASP A 175 6.84 11.11 -15.69
N THR A 176 7.25 11.52 -16.85
CA THR A 176 8.17 10.72 -17.72
C THR A 176 9.60 11.04 -17.35
N THR A 177 9.78 11.94 -16.42
CA THR A 177 11.15 12.22 -15.83
C THR A 177 11.32 11.36 -14.59
N ALA A 178 10.35 10.58 -14.19
CA ALA A 178 10.45 9.90 -12.86
C ALA A 178 11.03 8.53 -13.04
N TYR A 179 11.10 8.01 -14.23
CA TYR A 179 11.60 6.69 -14.46
C TYR A 179 12.58 6.61 -15.62
N THR A 180 13.12 5.43 -15.78
CA THR A 180 14.12 5.33 -16.88
C THR A 180 13.62 4.22 -17.83
N GLY A 181 14.02 4.15 -19.10
CA GLY A 181 13.51 3.27 -20.19
C GLY A 181 12.02 3.39 -20.33
N SER A 182 11.25 2.32 -20.46
CA SER A 182 9.82 2.41 -20.81
C SER A 182 9.01 1.55 -19.83
N ILE A 183 7.78 1.90 -19.80
CA ILE A 183 6.82 1.25 -18.80
C ILE A 183 6.42 -0.07 -19.54
N THR A 184 6.57 -1.20 -18.92
CA THR A 184 5.83 -2.42 -19.39
C THR A 184 4.51 -2.54 -18.64
N TYR A 185 3.45 -2.71 -19.43
CA TYR A 185 2.08 -2.87 -18.78
C TYR A 185 1.73 -4.38 -18.81
N THR A 186 1.07 -4.80 -17.77
CA THR A 186 0.55 -6.24 -17.70
C THR A 186 -0.89 -6.23 -17.32
N ALA A 187 -1.61 -7.32 -17.66
CA ALA A 187 -3.08 -7.25 -17.48
C ALA A 187 -3.40 -7.45 -16.01
N VAL A 188 -4.46 -6.80 -15.60
CA VAL A 188 -5.00 -6.87 -14.21
C VAL A 188 -6.30 -7.61 -14.12
N SER A 189 -6.38 -8.55 -13.19
CA SER A 189 -7.61 -9.28 -12.89
C SER A 189 -8.40 -8.65 -11.75
N THR A 190 -9.69 -8.32 -12.00
CA THR A 190 -10.37 -7.68 -10.84
C THR A 190 -11.26 -8.66 -10.08
N LYS A 191 -11.16 -9.93 -10.31
CA LYS A 191 -12.10 -10.97 -9.90
C LYS A 191 -12.21 -10.91 -8.37
N GLN A 192 -11.12 -10.60 -7.75
CA GLN A 192 -11.19 -10.68 -6.27
C GLN A 192 -11.01 -9.23 -5.71
N GLY A 193 -11.17 -8.17 -6.57
CA GLY A 193 -11.20 -6.74 -6.38
C GLY A 193 -9.83 -6.12 -6.13
N PHE A 194 -8.72 -6.82 -6.28
CA PHE A 194 -7.34 -6.37 -6.12
C PHE A 194 -6.74 -6.01 -7.43
N TRP A 195 -5.71 -5.19 -7.34
CA TRP A 195 -4.72 -5.02 -8.39
C TRP A 195 -3.91 -6.33 -8.53
N GLU A 196 -4.56 -7.27 -9.21
CA GLU A 196 -4.02 -8.62 -9.27
C GLU A 196 -3.41 -8.92 -10.61
N TRP A 197 -2.17 -9.40 -10.63
CA TRP A 197 -1.48 -9.63 -11.90
C TRP A 197 -0.59 -10.87 -11.80
N THR A 198 0.00 -11.25 -12.93
CA THR A 198 0.75 -12.49 -12.85
C THR A 198 2.19 -12.26 -13.29
N SER A 199 3.12 -12.36 -12.34
CA SER A 199 4.49 -12.06 -12.83
C SER A 199 5.02 -13.32 -13.54
N THR A 200 5.95 -13.10 -14.48
CA THR A 200 6.33 -14.19 -15.44
C THR A 200 7.56 -14.93 -14.96
N GLY A 201 8.13 -14.53 -13.85
CA GLY A 201 9.17 -15.51 -13.34
C GLY A 201 10.12 -14.77 -12.40
N TYR A 202 11.33 -15.27 -12.17
CA TYR A 202 12.18 -14.65 -11.17
C TYR A 202 13.62 -15.07 -11.36
N ALA A 203 14.55 -14.26 -10.92
CA ALA A 203 15.96 -14.63 -10.69
C ALA A 203 16.49 -14.04 -9.39
N VAL A 204 17.42 -14.74 -8.75
CA VAL A 204 18.23 -14.43 -7.58
C VAL A 204 19.64 -14.06 -7.93
N GLY A 205 20.04 -12.81 -7.54
CA GLY A 205 21.40 -12.39 -7.92
C GLY A 205 21.66 -12.47 -9.42
N SER A 206 22.78 -12.93 -9.84
CA SER A 206 23.38 -13.11 -11.16
C SER A 206 23.11 -14.44 -11.79
N GLY A 207 22.13 -15.24 -11.27
CA GLY A 207 21.74 -16.60 -11.69
C GLY A 207 20.63 -16.52 -12.75
N THR A 208 20.07 -17.70 -13.03
CA THR A 208 19.26 -17.68 -14.31
C THR A 208 17.83 -17.26 -13.92
N PHE A 209 17.17 -16.63 -14.92
CA PHE A 209 15.78 -16.26 -14.70
C PHE A 209 14.90 -17.48 -14.86
N LYS A 210 13.95 -17.80 -14.01
CA LYS A 210 13.12 -18.94 -14.08
C LYS A 210 11.71 -18.63 -14.46
N SER A 211 11.34 -19.15 -15.62
CA SER A 211 10.04 -18.67 -16.13
C SER A 211 8.96 -19.45 -15.29
N THR A 212 8.16 -18.76 -14.55
CA THR A 212 7.14 -19.31 -13.68
C THR A 212 6.07 -18.29 -13.33
N SER A 213 4.79 -18.64 -13.48
CA SER A 213 3.74 -17.65 -13.20
C SER A 213 3.53 -17.56 -11.69
N ILE A 214 3.68 -16.32 -11.30
CA ILE A 214 3.41 -15.95 -9.95
C ILE A 214 2.31 -14.93 -9.85
N ASP A 215 1.15 -15.50 -9.64
CA ASP A 215 -0.04 -14.54 -9.49
C ASP A 215 0.07 -13.85 -8.13
N GLY A 216 0.01 -12.52 -8.16
CA GLY A 216 -0.06 -11.81 -6.82
C GLY A 216 -0.80 -10.46 -7.03
N ILE A 217 -0.89 -9.71 -5.94
CA ILE A 217 -1.46 -8.40 -5.73
C ILE A 217 -0.42 -7.35 -5.44
N ALA A 218 -0.56 -6.26 -6.10
CA ALA A 218 0.25 -5.09 -5.69
C ALA A 218 -0.43 -4.38 -4.55
N ASP A 219 0.27 -4.39 -3.44
CA ASP A 219 -0.37 -3.85 -2.22
C ASP A 219 0.57 -2.84 -1.53
N THR A 220 0.29 -1.56 -1.74
CA THR A 220 1.08 -0.52 -1.08
C THR A 220 0.97 -0.59 0.44
N GLY A 221 -0.05 -1.33 0.91
CA GLY A 221 -0.32 -1.17 2.34
C GLY A 221 0.33 -2.31 3.11
N THR A 222 1.06 -3.15 2.34
CA THR A 222 1.89 -4.22 2.93
C THR A 222 3.37 -3.91 2.80
N THR A 223 4.16 -3.78 3.85
CA THR A 223 5.55 -3.57 3.85
C THR A 223 6.37 -4.58 3.00
N LEU A 224 6.30 -5.91 3.22
CA LEU A 224 7.35 -6.79 2.78
C LEU A 224 6.85 -7.53 1.50
N LEU A 225 7.59 -8.42 0.95
CA LEU A 225 7.43 -8.98 -0.44
C LEU A 225 7.18 -10.52 -0.12
N TYR A 226 5.99 -11.02 -0.40
CA TYR A 226 5.50 -12.34 0.07
C TYR A 226 5.28 -13.24 -1.12
N LEU A 227 6.25 -14.14 -1.20
CA LEU A 227 6.46 -15.05 -2.31
C LEU A 227 6.27 -16.50 -1.99
N PRO A 228 6.09 -17.33 -3.11
CA PRO A 228 5.71 -18.71 -2.66
C PRO A 228 6.94 -19.39 -2.03
N ALA A 229 6.68 -20.34 -1.15
CA ALA A 229 7.69 -20.83 -0.16
C ALA A 229 8.94 -21.27 -0.87
N THR A 230 8.72 -21.85 -2.06
CA THR A 230 9.89 -22.38 -2.73
C THR A 230 10.64 -21.33 -3.53
N VAL A 231 10.00 -20.23 -3.92
CA VAL A 231 10.87 -19.18 -4.51
C VAL A 231 11.66 -18.52 -3.40
N VAL A 232 10.97 -18.22 -2.30
CA VAL A 232 11.70 -17.53 -1.18
C VAL A 232 12.85 -18.36 -0.65
N SER A 233 12.62 -19.64 -0.56
CA SER A 233 13.70 -20.56 -0.13
C SER A 233 14.83 -20.58 -1.14
N ALA A 234 14.57 -20.32 -2.44
CA ALA A 234 15.75 -20.35 -3.38
C ALA A 234 16.53 -19.06 -3.14
N TYR A 235 15.87 -18.03 -2.72
CA TYR A 235 16.51 -16.75 -2.51
C TYR A 235 17.48 -16.83 -1.32
N TRP A 236 17.00 -17.37 -0.22
CA TRP A 236 17.76 -17.28 1.00
C TRP A 236 18.79 -18.42 1.06
N ALA A 237 18.72 -19.45 0.20
CA ALA A 237 19.84 -20.45 0.06
C ALA A 237 21.08 -19.67 -0.51
N GLN A 238 20.96 -18.48 -1.03
CA GLN A 238 22.18 -17.77 -1.47
C GLN A 238 22.74 -16.89 -0.38
N VAL A 239 22.11 -16.83 0.78
CA VAL A 239 22.81 -15.92 1.80
C VAL A 239 23.21 -16.87 2.95
N SER A 240 24.53 -17.00 3.10
CA SER A 240 25.02 -18.14 3.96
C SER A 240 24.65 -17.77 5.41
N GLY A 241 24.32 -18.69 6.29
CA GLY A 241 23.99 -17.73 7.52
C GLY A 241 22.57 -17.22 7.60
N ALA A 242 21.77 -17.14 6.54
CA ALA A 242 20.29 -16.99 6.59
C ALA A 242 19.63 -18.25 7.15
N LYS A 243 18.59 -18.08 7.98
CA LYS A 243 17.87 -19.25 8.46
C LYS A 243 16.41 -18.83 8.68
N SER A 244 15.40 -19.68 8.61
CA SER A 244 14.05 -19.50 9.13
C SER A 244 14.01 -19.64 10.65
N SER A 245 13.40 -18.65 11.28
CA SER A 245 13.29 -18.38 12.71
C SER A 245 11.80 -18.40 13.13
N SER A 246 11.38 -19.44 13.83
CA SER A 246 9.98 -19.59 14.29
C SER A 246 9.63 -18.48 15.27
N SER A 247 10.63 -18.09 16.09
CA SER A 247 10.56 -17.10 17.17
C SER A 247 10.19 -15.72 16.63
N VAL A 248 10.92 -15.38 15.60
CA VAL A 248 10.74 -14.04 15.01
C VAL A 248 9.73 -14.05 13.90
N GLY A 249 9.45 -15.24 13.36
CA GLY A 249 8.52 -15.40 12.29
C GLY A 249 8.92 -15.35 10.83
N GLY A 250 10.05 -15.93 10.47
CA GLY A 250 10.46 -15.59 9.02
C GLY A 250 11.96 -15.67 8.94
N TYR A 251 12.42 -15.48 7.71
CA TYR A 251 13.83 -15.64 7.51
C TYR A 251 14.60 -14.48 8.17
N VAL A 252 15.68 -14.89 8.81
CA VAL A 252 16.56 -13.87 9.41
C VAL A 252 18.00 -14.12 8.97
N PHE A 253 18.82 -13.05 8.86
CA PHE A 253 20.17 -13.15 8.40
C PHE A 253 21.14 -12.22 9.17
N PRO A 254 22.51 -12.52 9.09
CA PRO A 254 23.28 -11.47 9.79
C PRO A 254 23.27 -10.16 9.01
N CYS A 255 23.09 -9.13 9.85
CA CYS A 255 23.06 -7.74 9.35
C CYS A 255 24.26 -7.38 8.54
N SER A 256 25.40 -8.09 8.70
CA SER A 256 26.60 -7.81 7.97
C SER A 256 26.60 -8.32 6.53
N ALA A 257 25.74 -9.26 6.21
CA ALA A 257 25.64 -9.88 4.88
C ALA A 257 25.38 -8.79 3.85
N THR A 258 25.98 -9.02 2.71
CA THR A 258 25.66 -8.28 1.44
C THR A 258 24.64 -9.09 0.67
N LEU A 259 23.40 -8.61 0.54
CA LEU A 259 22.33 -9.57 0.12
C LEU A 259 22.28 -9.56 -1.45
N PRO A 260 21.85 -10.77 -1.94
CA PRO A 260 21.76 -10.57 -3.43
C PRO A 260 20.57 -9.81 -3.87
N SER A 261 20.63 -9.38 -5.12
CA SER A 261 19.45 -8.73 -5.73
C SER A 261 18.40 -9.79 -6.10
N PHE A 262 17.12 -9.37 -6.27
CA PHE A 262 16.02 -10.27 -6.66
C PHE A 262 15.35 -9.71 -7.88
N THR A 263 15.18 -10.45 -8.92
CA THR A 263 14.48 -9.92 -10.10
C THR A 263 13.10 -10.53 -10.26
N PHE A 264 12.08 -9.72 -10.60
CA PHE A 264 10.82 -10.26 -10.99
C PHE A 264 10.35 -9.86 -12.34
N GLY A 265 9.67 -10.75 -13.05
CA GLY A 265 9.43 -10.64 -14.49
C GLY A 265 8.18 -9.78 -14.71
N VAL A 266 8.13 -8.74 -15.52
CA VAL A 266 6.76 -8.17 -15.92
C VAL A 266 6.73 -8.25 -17.44
N GLY A 267 5.94 -9.16 -17.87
CA GLY A 267 5.99 -9.57 -19.27
C GLY A 267 7.42 -9.93 -19.64
N SER A 268 7.92 -9.33 -20.72
CA SER A 268 9.29 -9.58 -21.20
C SER A 268 10.26 -8.68 -20.44
N ALA A 269 9.70 -7.81 -19.59
CA ALA A 269 10.66 -6.88 -18.92
C ALA A 269 11.01 -7.51 -17.54
N ARG A 270 12.04 -6.99 -16.97
CA ARG A 270 12.60 -7.35 -15.67
C ARG A 270 12.79 -6.20 -14.68
N ILE A 271 12.26 -6.33 -13.46
CA ILE A 271 12.52 -5.30 -12.43
C ILE A 271 13.44 -5.94 -11.37
N VAL A 272 14.53 -5.29 -11.21
CA VAL A 272 15.50 -5.76 -10.18
C VAL A 272 15.38 -4.99 -8.90
N ILE A 273 15.10 -5.65 -7.77
CA ILE A 273 15.18 -5.18 -6.40
C ILE A 273 16.63 -5.34 -5.88
N PRO A 274 17.14 -4.06 -5.57
CA PRO A 274 18.50 -4.21 -4.97
C PRO A 274 18.55 -5.00 -3.70
N GLY A 275 19.73 -5.69 -3.53
CA GLY A 275 19.72 -6.55 -2.34
C GLY A 275 19.57 -5.72 -1.06
N ASP A 276 19.96 -4.46 -0.92
CA ASP A 276 19.83 -3.63 0.32
C ASP A 276 18.38 -3.27 0.57
N TYR A 277 17.60 -3.37 -0.46
CA TYR A 277 16.16 -3.18 -0.11
C TYR A 277 15.62 -4.36 0.66
N ILE A 278 16.22 -5.50 0.52
CA ILE A 278 15.56 -6.77 1.10
C ILE A 278 16.04 -6.83 2.55
N ASP A 279 17.03 -6.04 2.93
CA ASP A 279 17.48 -5.89 4.37
C ASP A 279 16.52 -4.99 5.11
N PHE A 280 15.56 -5.66 5.80
CA PHE A 280 14.47 -4.89 6.41
C PHE A 280 14.97 -4.03 7.53
N GLY A 281 15.49 -4.70 8.51
CA GLY A 281 16.54 -4.13 9.39
C GLY A 281 16.80 -5.09 10.57
N PRO A 282 17.51 -4.48 11.60
CA PRO A 282 17.72 -5.59 12.55
C PRO A 282 16.52 -5.78 13.47
N ILE A 283 16.53 -6.99 14.02
CA ILE A 283 15.23 -7.55 14.53
C ILE A 283 15.01 -6.91 15.93
N SER A 284 16.15 -6.48 16.50
CA SER A 284 16.04 -5.54 17.63
C SER A 284 17.13 -4.48 17.54
N THR A 285 17.01 -3.19 17.88
CA THR A 285 18.11 -2.23 17.94
C THR A 285 19.37 -2.75 18.53
N GLY A 286 20.48 -2.70 17.79
CA GLY A 286 21.81 -3.14 18.24
C GLY A 286 22.07 -4.60 17.89
N SER A 287 20.99 -5.25 17.42
CA SER A 287 21.10 -6.71 17.30
C SER A 287 22.04 -7.06 16.15
N SER A 288 22.64 -8.23 16.11
CA SER A 288 23.44 -8.49 14.91
C SER A 288 22.68 -9.28 13.86
N SER A 289 21.49 -9.63 14.16
CA SER A 289 20.54 -10.29 13.25
C SER A 289 19.56 -9.32 12.68
N CYS A 290 19.32 -9.51 11.41
CA CYS A 290 18.42 -8.69 10.64
C CYS A 290 17.23 -9.47 10.12
N PHE A 291 16.09 -8.85 9.89
CA PHE A 291 14.93 -9.64 9.38
C PHE A 291 14.91 -9.54 7.87
N GLY A 292 14.55 -10.54 7.08
CA GLY A 292 14.50 -10.36 5.66
C GLY A 292 13.23 -9.77 5.11
N GLY A 293 13.47 -9.10 4.01
CA GLY A 293 12.28 -8.48 3.39
C GLY A 293 11.57 -9.32 2.38
N ILE A 294 12.13 -10.51 2.13
CA ILE A 294 11.37 -11.48 1.26
C ILE A 294 10.89 -12.64 2.09
N GLN A 295 9.60 -12.96 2.20
CA GLN A 295 9.17 -14.05 3.11
C GLN A 295 8.12 -14.92 2.40
N SER A 296 7.69 -16.01 3.11
CA SER A 296 6.69 -16.93 2.44
C SER A 296 5.33 -16.34 2.46
N SER A 297 4.55 -16.52 1.40
CA SER A 297 3.11 -16.06 1.53
C SER A 297 2.30 -17.32 1.80
N ALA A 298 2.94 -18.42 2.15
CA ALA A 298 2.19 -19.70 2.37
C ALA A 298 1.14 -19.56 3.42
N GLY A 299 1.37 -18.90 4.53
CA GLY A 299 0.19 -18.78 5.47
C GLY A 299 -0.71 -17.59 5.26
N ILE A 300 -0.35 -16.65 4.44
CA ILE A 300 -1.26 -15.68 3.84
C ILE A 300 -2.31 -16.22 3.00
N GLY A 301 -1.91 -17.00 1.96
CA GLY A 301 -2.93 -17.55 1.06
C GLY A 301 -2.75 -16.90 -0.30
N ILE A 302 -2.04 -15.76 -0.30
CA ILE A 302 -1.88 -15.03 -1.54
C ILE A 302 -0.55 -14.31 -1.57
N ASN A 303 0.10 -14.21 -2.73
CA ASN A 303 1.39 -13.54 -2.99
C ASN A 303 1.17 -12.00 -2.98
N ILE A 304 2.06 -11.34 -2.31
CA ILE A 304 1.91 -9.86 -2.23
C ILE A 304 3.23 -9.19 -2.59
N PHE A 305 3.09 -8.53 -3.74
CA PHE A 305 4.15 -7.53 -4.10
C PHE A 305 3.86 -6.28 -3.25
N GLY A 306 4.57 -6.26 -2.11
CA GLY A 306 4.48 -5.16 -1.12
C GLY A 306 5.43 -4.03 -1.31
N ASP A 307 5.67 -3.13 -0.38
CA ASP A 307 6.54 -1.95 -0.57
C ASP A 307 7.95 -2.26 -0.97
N VAL A 308 8.55 -3.33 -0.47
CA VAL A 308 9.86 -3.65 -0.93
C VAL A 308 10.01 -3.92 -2.41
N ALA A 309 8.91 -4.38 -3.02
CA ALA A 309 9.03 -4.61 -4.47
C ALA A 309 8.62 -3.35 -5.20
N LEU A 310 7.57 -2.70 -4.72
CA LEU A 310 7.05 -1.54 -5.46
C LEU A 310 8.00 -0.37 -5.39
N LYS A 311 8.71 -0.27 -4.23
CA LYS A 311 9.57 0.95 -4.16
C LYS A 311 10.75 0.85 -5.07
N ALA A 312 11.00 -0.33 -5.62
CA ALA A 312 12.04 -0.53 -6.63
C ALA A 312 11.63 -0.09 -8.01
N ALA A 313 10.39 0.31 -8.18
CA ALA A 313 9.98 0.60 -9.61
C ALA A 313 9.15 1.92 -9.59
N PHE A 314 8.85 2.31 -10.80
CA PHE A 314 7.77 3.36 -10.86
C PHE A 314 6.54 2.62 -11.38
N VAL A 315 5.46 2.69 -10.58
CA VAL A 315 4.27 1.87 -10.90
C VAL A 315 3.15 2.74 -11.40
N VAL A 316 2.59 2.33 -12.53
CA VAL A 316 1.35 3.05 -12.97
C VAL A 316 0.15 2.15 -12.77
N PHE A 317 -0.82 2.68 -12.07
CA PHE A 317 -2.15 2.02 -11.96
C PHE A 317 -3.13 2.56 -12.98
N ASN A 318 -3.30 1.78 -14.07
CA ASN A 318 -4.14 2.15 -15.23
C ASN A 318 -5.59 1.85 -15.02
N GLY A 319 -6.35 2.89 -14.58
CA GLY A 319 -7.76 2.69 -14.14
C GLY A 319 -8.77 2.77 -15.29
N ALA A 320 -8.36 2.46 -16.54
CA ALA A 320 -9.26 2.49 -17.73
C ALA A 320 -10.30 1.39 -17.49
N THR A 321 -11.26 1.29 -18.35
CA THR A 321 -12.36 0.29 -18.11
C THR A 321 -11.81 -1.13 -18.15
N THR A 322 -10.82 -1.43 -18.92
CA THR A 322 -9.93 -2.62 -18.72
C THR A 322 -8.63 -2.10 -18.06
N PRO A 323 -8.56 -2.54 -16.76
CA PRO A 323 -7.35 -1.89 -16.14
C PRO A 323 -6.12 -2.75 -16.37
N THR A 324 -4.95 -2.11 -16.24
CA THR A 324 -3.65 -2.72 -16.36
C THR A 324 -2.69 -2.15 -15.31
N LEU A 325 -1.63 -2.88 -15.12
CA LEU A 325 -0.59 -2.31 -14.18
C LEU A 325 0.71 -2.11 -15.01
N GLY A 326 1.44 -1.02 -14.78
CA GLY A 326 2.64 -0.71 -15.56
C GLY A 326 3.88 -0.61 -14.69
N PHE A 327 5.01 -1.12 -15.16
CA PHE A 327 6.15 -1.04 -14.23
C PHE A 327 7.35 -0.50 -15.12
N ALA A 328 8.07 0.45 -14.61
CA ALA A 328 9.35 0.95 -15.11
C ALA A 328 10.41 0.91 -14.03
N SER A 329 11.59 0.63 -14.46
CA SER A 329 12.82 0.86 -13.56
C SER A 329 12.97 2.39 -13.40
N LYS A 330 13.70 2.61 -12.33
CA LYS A 330 13.89 4.07 -12.02
C LYS A 330 15.26 4.25 -11.40
N DHI B 1 5.53 -3.22 13.80
CA DHI B 1 6.52 -3.54 12.76
C DHI B 1 5.83 -3.56 11.38
O DHI B 1 5.29 -2.50 11.03
CB DHI B 1 7.63 -2.52 12.75
CG DHI B 1 8.69 -2.87 13.83
ND1 DHI B 1 8.99 -2.20 15.03
CD2 DHI B 1 9.54 -3.99 13.75
CE1 DHI B 1 10.01 -2.90 15.68
NE2 DHI B 1 10.35 -4.00 14.89
N PRO B 2 6.07 -4.77 10.73
CA PRO B 2 5.66 -4.54 9.29
C PRO B 2 4.12 -4.62 9.19
N PHE B 3 3.46 -4.10 8.14
CA PHE B 3 2.03 -3.80 7.99
C PHE B 3 1.42 -4.81 6.97
N HIS B 4 0.18 -5.23 7.11
CA HIS B 4 -0.41 -6.16 6.12
C HIS B 4 -1.78 -5.62 5.68
N LEU B 5 -1.89 -4.46 5.13
CA LEU B 5 -3.14 -3.74 4.87
C LEU B 5 -3.60 -3.90 3.42
N LEU B 6 -3.53 -5.22 2.92
CA LEU B 6 -4.74 -5.68 2.21
C LEU B 6 -5.90 -5.90 3.15
N VAL B 7 -7.10 -5.68 2.65
CA VAL B 7 -8.29 -6.10 3.42
C VAL B 7 -8.46 -7.60 3.39
N TYR B 8 -8.88 -8.24 4.46
CA TYR B 8 -9.06 -9.71 4.46
C TYR B 8 -10.42 -9.99 5.16
#